data_4FRG
#
_entry.id   4FRG
#
_cell.length_a   142.030
_cell.length_b   142.030
_cell.length_c   137.900
_cell.angle_alpha   90.000
_cell.angle_beta   90.000
_cell.angle_gamma   120.000
#
_symmetry.space_group_name_H-M   'P 64 2 2'
#
loop_
_entity.id
_entity.type
_entity.pdbx_description
1 polymer 'cobalamin riboswitch aptamer domain'
2 non-polymer Hydroxocobalamin
3 non-polymer 'IRIDIUM (III) ION'
4 non-polymer 'MAGNESIUM ION'
#
_entity_poly.entity_id   1
_entity_poly.type   'polyribonucleotide'
_entity_poly.pdbx_seq_one_letter_code
;GGCCUAAAAGCAUAGUGGGAAAGUGACGUGAAAUUCGUCCAGAUGCGAAAGCAUACGGUUAUACUCCGAAUGCCACCUAG
GCCA
;
_entity_poly.pdbx_strand_id   B,X
#
loop_
_chem_comp.id
_chem_comp.type
_chem_comp.name
_chem_comp.formula
A RNA linking ADENOSINE-5'-MONOPHOSPHATE 'C10 H14 N5 O7 P'
C RNA linking CYTIDINE-5'-MONOPHOSPHATE 'C9 H14 N3 O8 P'
G RNA linking GUANOSINE-5'-MONOPHOSPHATE 'C10 H14 N5 O8 P'
I2A non-polymer Hydroxocobalamin 'C62 H88 Co N13 O15 P'
IR3 non-polymer 'IRIDIUM (III) ION' 'Ir 3'
MG non-polymer 'MAGNESIUM ION' 'Mg 2'
U RNA linking URIDINE-5'-MONOPHOSPHATE 'C9 H13 N2 O9 P'
#
# COMPACT_ATOMS: atom_id res chain seq x y z
CO I2A C . -26.20 6.56 -10.60
C20 I2A C . -24.57 6.91 -7.44
C25 I2A C . -21.67 10.76 -8.65
C26 I2A C . -21.93 12.00 -7.92
C27 I2A C . -23.02 9.05 -12.59
C30 I2A C . -26.86 9.49 -15.79
C31 I2A C . -28.29 10.81 -11.90
C32 I2A C . -29.71 10.54 -11.35
C35 I2A C . -31.06 5.65 -12.53
C36 I2A C . -30.50 4.09 -9.73
C37 I2A C . -31.92 3.54 -9.80
C38 I2A C . -31.98 2.07 -9.96
C41 I2A C . -25.84 2.10 -7.56
C42 I2A C . -26.86 2.79 -6.66
C43 I2A C . -27.53 1.81 -5.71
C10 I2A C . -28.57 7.38 -12.56
C11 I2A C . -28.74 6.19 -11.90
C12 I2A C . -29.81 5.12 -12.26
C46 I2A C . -27.55 0.88 -3.40
C47 I2A C . -28.75 1.42 -2.70
C13 I2A C . -29.67 4.16 -11.01
C48 I2A C . -29.15 0.52 -1.52
C49 I2A C . -29.61 6.86 -6.37
C50 I2A C . -28.95 6.38 -5.07
C14 I2A C . -28.19 4.39 -10.69
C15 I2A C . -27.34 3.42 -10.21
C53 I2A C . -31.67 3.96 -5.98
C16 I2A C . -26.08 3.79 -9.58
C17 I2A C . -25.14 2.89 -8.69
C54 I2A C . -28.06 6.64 -8.34
C55 I2A C . -26.73 9.85 -8.91
C56 I2A C . -27.02 11.03 -8.23
C57 I2A C . -27.94 11.00 -7.14
C18 I2A C . -24.17 3.95 -8.10
C60 I2A C . -27.35 8.66 -8.60
C61 I2A C . -26.32 12.30 -8.68
C19 I2A C . -24.22 5.11 -9.13
P I2A C . -29.25 4.00 -2.37
N01 I2A C . -24.59 7.30 -9.95
N02 I2A C . -26.49 8.09 -11.69
N03 I2A C . -27.78 5.63 -11.14
N04 I2A C . -25.58 4.99 -9.71
N05 I2A C . -20.38 6.81 -12.07
N06 I2A C . -21.48 11.98 -6.72
N07 I2A C . -26.36 10.28 -16.68
N08 I2A C . -30.95 10.74 -9.43
N09 I2A C . -32.01 1.36 -8.87
N10 I2A C . -27.06 1.75 -4.50
N11 I2A C . -21.22 4.12 -5.89
N12 I2A C . -28.69 7.36 -7.37
N I2A C . -27.27 7.36 -9.11
C01 I2A C . -23.91 6.58 -8.80
C02 I2A C . -22.43 7.16 -8.96
C03 I2A C . -22.74 8.59 -9.55
C04 I2A C . -23.97 8.34 -10.38
C05 I2A C . -24.24 8.96 -11.65
C06 I2A C . -25.53 9.01 -12.12
C07 I2A C . -26.18 9.90 -13.23
C08 I2A C . -27.70 9.74 -12.83
C09 I2A C . -27.69 8.36 -12.21
C21 I2A C . -21.58 7.10 -7.68
C22 I2A C . -21.62 6.37 -10.05
C23 I2A C . -20.46 7.06 -10.74
C24 I2A C . -22.90 9.86 -8.68
C28 I2A C . -25.76 11.34 -13.40
C29 I2A C . -26.00 9.12 -14.60
C33 I2A C . -30.19 11.31 -10.22
C34 I2A C . -29.49 4.38 -13.61
C39 I2A C . -27.58 2.04 -10.76
C40 I2A C . -24.44 1.89 -9.60
C44 I2A C . -22.76 3.53 -7.63
C45 I2A C . -22.43 3.83 -6.16
C51 I2A C . -29.85 5.20 -4.67
C52 I2A C . -30.34 4.67 -6.00
C58 I2A C . -28.53 9.84 -6.78
C59 I2A C . -28.23 8.67 -7.50
C I2A C . -28.29 12.26 -6.33
O01 I2A C . -25.27 5.85 -12.12
O02 I2A C . -19.61 7.78 -10.23
O03 I2A C . -22.54 12.99 -8.48
O04 I2A C . -28.00 9.02 -15.86
O05 I2A C . -29.84 12.58 -10.05
O06 I2A C . -32.02 1.56 -11.10
O07 I2A C . -28.50 1.15 -6.14
O08 I2A C . -23.32 3.75 -5.29
O09 I2A C . -29.12 4.19 -3.95
O10 I2A C . -28.37 2.73 -2.17
O11 I2A C . -30.68 3.78 -2.00
O12 I2A C . -28.47 5.05 -1.64
O13 I2A C . -30.37 5.78 -6.89
O14 I2A C . -27.62 6.01 -5.26
O I2A C . -32.77 4.87 -5.87
IR IR3 D . -47.70 22.93 -22.04
IR IR3 E . -28.06 -11.56 -7.81
IR IR3 F . -48.76 2.09 -16.47
IR IR3 G . 0.61 -9.86 -13.58
IR IR3 H . -9.88 1.39 1.47
IR IR3 I . -30.93 6.83 -26.16
IR IR3 J . -2.55 -22.81 -8.91
IR IR3 K . -39.67 13.92 -20.79
IR IR3 L . -36.27 18.21 -15.00
MG MG M . -23.91 -7.96 -9.39
MG MG N . -10.89 -10.83 -3.27
MG MG O . -13.82 7.65 1.02
MG MG P . -14.38 13.51 3.02
MG MG Q . -47.57 3.40 -21.13
MG MG R . -36.92 10.92 -22.89
MG MG S . -44.18 10.12 -18.65
CO I2A T . 25.52 -4.56 10.26
C20 I2A T . 26.90 -3.87 7.06
C25 I2A T . 25.72 0.99 7.01
C26 I2A T . 26.90 1.76 6.60
C27 I2A T . 23.02 -0.86 10.10
C30 I2A T . 23.23 -1.70 15.03
C31 I2A T . 27.34 -1.48 13.65
C32 I2A T . 28.50 -2.37 14.13
C35 I2A T . 26.58 -7.25 14.73
C36 I2A T . 27.94 -8.51 12.07
C37 I2A T . 28.55 -9.62 12.91
C38 I2A T . 27.91 -10.95 12.70
C41 I2A T . 25.84 -8.69 6.75
C42 I2A T . 27.36 -8.53 6.87
C43 I2A T . 28.09 -9.84 6.59
C10 I2A T . 25.84 -4.63 13.44
C11 I2A T . 25.96 -5.84 12.80
C12 I2A T . 25.91 -7.23 13.51
C46 I2A T . 29.38 -11.13 4.89
C47 I2A T . 30.81 -11.15 5.30
C13 I2A T . 26.49 -8.12 12.34
C48 I2A T . 31.59 -12.20 4.49
C49 I2A T . 30.71 -6.08 9.65
C50 I2A T . 31.02 -6.43 8.18
C14 I2A T . 25.92 -7.35 11.15
C15 I2A T . 25.47 -7.93 9.98
C53 I2A T . 31.27 -9.56 10.22
C16 I2A T . 25.25 -7.11 8.78
C17 I2A T . 24.91 -7.59 7.33
C54 I2A T . 28.30 -5.46 9.95
C55 I2A T . 28.21 -1.96 10.30
C56 I2A T . 29.28 -1.08 10.33
C57 I2A T . 30.60 -1.59 10.16
C18 I2A T . 25.06 -6.28 6.52
C60 I2A T . 28.38 -3.33 10.18
C61 I2A T . 28.97 0.40 10.51
C19 I2A T . 24.84 -5.17 7.57
P I2A T . 32.24 -9.05 6.01
N01 I2A T . 25.28 -3.28 8.91
N02 I2A T . 25.45 -3.20 11.60
N03 I2A T . 25.77 -6.01 11.49
N04 I2A T . 25.23 -5.80 8.85
N05 I2A T . 21.03 -1.73 7.32
N06 I2A T . 27.01 1.85 5.34
N07 I2A T . 22.60 -0.67 15.51
N08 I2A T . 30.76 -2.78 14.08
N09 I2A T . 28.47 -11.74 11.83
N10 I2A T . 28.61 -9.96 5.40
N11 I2A T . 24.66 -6.02 2.80
N12 I2A T . 29.61 -5.16 9.87
N I2A T . 27.51 -4.41 10.15
C01 I2A T . 25.43 -3.75 7.48
C02 I2A T . 24.64 -2.59 6.72
C03 I2A T . 24.91 -1.36 7.70
C04 I2A T . 24.97 -2.04 9.04
C05 I2A T . 24.42 -1.48 10.26
C06 I2A T . 24.88 -1.93 11.47
C07 I2A T . 24.80 -1.30 12.89
C08 I2A T . 25.94 -2.11 13.61
C09 I2A T . 25.91 -3.40 12.84
C21 I2A T . 25.03 -2.39 5.25
C22 I2A T . 23.09 -2.85 6.72
C23 I2A T . 22.12 -1.69 6.53
C24 I2A T . 26.11 -0.40 7.52
C28 I2A T . 24.93 0.19 13.06
C29 I2A T . 23.43 -1.78 13.53
C33 I2A T . 29.88 -1.92 13.99
C34 I2A T . 24.47 -7.64 13.94
C39 I2A T . 24.90 -9.32 10.13
C40 I2A T . 23.48 -8.14 7.30
C44 I2A T . 24.32 -6.08 5.18
C45 I2A T . 25.20 -5.84 3.94
C51 I2A T . 31.44 -7.91 8.28
C52 I2A T . 30.66 -8.41 9.48
C58 I2A T . 30.81 -2.91 10.00
C59 I2A T . 29.70 -3.78 10.00
C I2A T . 31.83 -0.65 10.15
O01 I2A T . 23.62 -4.70 10.51
O02 I2A T . 22.23 -0.77 5.74
O03 I2A T . 27.69 2.28 7.49
O04 I2A T . 23.66 -2.62 15.74
O05 I2A T . 30.17 -0.66 13.77
O06 I2A T . 26.89 -11.25 13.35
O07 I2A T . 28.16 -10.70 7.49
O08 I2A T . 26.38 -5.47 4.07
O09 I2A T . 31.12 -8.63 7.09
O10 I2A T . 31.37 -9.84 5.00
O11 I2A T . 33.29 -9.90 6.67
O12 I2A T . 32.67 -7.86 5.21
O13 I2A T . 30.47 -7.30 10.34
O14 I2A T . 29.91 -6.24 7.37
O I2A T . 32.34 -9.16 11.07
IR IR3 U . 22.98 -22.11 5.17
IR IR3 V . 33.28 4.84 -4.16
IR IR3 W . 3.14 -22.57 -14.70
IR IR3 X . 31.40 -23.82 24.02
IR IR3 Y . 35.97 0.89 36.44
IR IR3 Z . 21.77 -4.60 -10.79
IR IR3 AA . 17.05 -4.80 24.10
IR IR3 BA . 32.29 -17.56 28.84
MG MG CA . 19.75 -16.81 4.23
MG MG DA . 24.68 -16.51 -0.82
MG MG EA . 4.54 -21.03 -1.87
MG MG FA . 15.41 -14.49 -9.76
MG MG GA . 24.23 -3.89 27.15
MG MG HA . 31.21 -8.60 29.44
MG MG IA . 29.17 -15.86 31.48
MG MG JA . 36.30 5.08 -19.68
MG MG KA . 26.08 0.32 -5.73
#